data_2OTN
#
_entry.id   2OTN
#
_cell.length_a   64.863
_cell.length_b   87.334
_cell.length_c   110.453
_cell.angle_alpha   90.00
_cell.angle_beta   90.00
_cell.angle_gamma   90.00
#
_symmetry.space_group_name_H-M   'P 21 21 21'
#
loop_
_entity.id
_entity.type
_entity.pdbx_description
1 polymer 'Diaminopimelate epimerase'
2 water water
#
_entity_poly.entity_id   1
_entity_poly.type   'polypeptide(L)'
_entity_poly.pdbx_seq_one_letter_code
;MGSSHHHHHHSSGLVPRGSHMSQFSFTKMHGLGNSYIYVNMFEEQIPEEDLALVAEKVSNINTGIGADGMILICPSDVAP
VKMRMFNNDGSEGKSCGNGLRCVAKYAYEHKLVEDTVFTIETLAGIVTAEVTVEEGKVTLAKIDMGAPRLTRAEIPMLGE
GETPFIRENFLYNNHRYAFTAVSMGNPHAVIFVDDVEQAPLTTLGPVLETHEMFPERVNVEFIEILNEEEMNFRVWERGS
GVTQACGTGACAAVVASILNGKMERGKEITVHLAGGDLMIAWTEEGNVLMKGPAEVICRGVYEYKIEA
;
_entity_poly.pdbx_strand_id   A,B
#
# COMPACT_ATOMS: atom_id res chain seq x y z
N VAL A 15 16.88 -1.75 -28.85
CA VAL A 15 15.48 -1.46 -28.46
C VAL A 15 14.77 -2.74 -28.05
N PRO A 16 14.54 -2.95 -26.74
CA PRO A 16 13.71 -4.05 -26.26
C PRO A 16 12.37 -4.22 -26.99
N ARG A 17 11.99 -5.47 -27.21
CA ARG A 17 10.58 -5.78 -27.48
C ARG A 17 10.18 -7.16 -26.95
N GLY A 18 8.93 -7.55 -27.25
CA GLY A 18 8.30 -8.69 -26.60
C GLY A 18 7.94 -8.44 -25.14
N SER A 19 7.89 -9.52 -24.36
CA SER A 19 7.50 -9.45 -22.95
C SER A 19 7.88 -10.72 -22.22
N HIS A 20 8.07 -10.59 -20.91
CA HIS A 20 8.27 -11.76 -20.08
C HIS A 20 7.30 -11.79 -18.90
N MET A 21 6.71 -12.96 -18.72
CA MET A 21 5.94 -13.28 -17.52
C MET A 21 6.89 -14.07 -16.65
N SER A 22 7.04 -13.65 -15.40
CA SER A 22 7.92 -14.35 -14.50
C SER A 22 7.32 -14.38 -13.10
N GLN A 23 8.06 -14.96 -12.16
CA GLN A 23 7.62 -15.03 -10.78
C GLN A 23 8.80 -15.31 -9.87
N PHE A 24 8.69 -14.91 -8.62
CA PHE A 24 9.66 -15.32 -7.62
C PHE A 24 8.98 -15.53 -6.27
N SER A 25 9.60 -16.38 -5.46
CA SER A 25 9.21 -16.56 -4.07
C SER A 25 9.72 -15.36 -3.28
N PHE A 26 8.96 -14.96 -2.27
CA PHE A 26 9.30 -13.80 -1.45
C PHE A 26 8.80 -14.04 -0.05
N THR A 27 9.26 -13.18 0.84
CA THR A 27 8.83 -13.15 2.20
C THR A 27 8.64 -11.69 2.49
N LYS A 28 7.44 -11.28 2.90
CA LYS A 28 7.25 -9.97 3.48
C LYS A 28 7.56 -10.02 4.97
N MET A 29 8.44 -9.12 5.39
CA MET A 29 8.81 -8.97 6.78
C MET A 29 8.72 -7.50 7.18
N HIS A 30 8.61 -7.26 8.47
CA HIS A 30 8.69 -5.89 8.98
C HIS A 30 9.46 -5.83 10.30
N GLY A 31 10.07 -4.67 10.54
CA GLY A 31 10.63 -4.29 11.84
C GLY A 31 9.95 -3.00 12.27
N LEU A 32 9.19 -3.06 13.35
CA LEU A 32 8.40 -1.89 13.79
C LEU A 32 7.51 -1.22 12.70
N GLY A 33 6.92 -2.06 11.83
CA GLY A 33 5.99 -1.62 10.79
C GLY A 33 6.56 -0.89 9.58
N ASN A 34 7.87 -0.90 9.43
CA ASN A 34 8.50 -0.57 8.16
C ASN A 34 8.71 -1.89 7.48
N SER A 35 8.02 -2.11 6.36
CA SER A 35 8.01 -3.42 5.70
C SER A 35 8.61 -3.44 4.31
N TYR A 36 9.22 -4.57 3.95
CA TYR A 36 9.79 -4.78 2.62
C TYR A 36 9.45 -6.15 2.10
N ILE A 37 9.56 -6.31 0.79
CA ILE A 37 9.46 -7.60 0.13
C ILE A 37 10.89 -8.15 0.02
N TYR A 38 11.15 -9.30 0.64
CA TYR A 38 12.49 -9.87 0.70
C TYR A 38 12.61 -10.97 -0.33
N VAL A 39 13.68 -10.95 -1.09
CA VAL A 39 13.89 -11.91 -2.16
C VAL A 39 15.26 -12.51 -2.00
N ASN A 40 15.32 -13.84 -1.93
CA ASN A 40 16.57 -14.56 -1.75
C ASN A 40 17.22 -14.76 -3.14
N MET A 41 18.30 -14.04 -3.40
CA MET A 41 18.93 -14.08 -4.72
C MET A 41 19.99 -15.15 -4.85
N PHE A 42 20.11 -16.02 -3.84
CA PHE A 42 20.83 -17.29 -4.00
C PHE A 42 19.92 -18.29 -4.74
N GLU A 43 18.60 -18.11 -4.62
CA GLU A 43 17.60 -19.05 -5.14
C GLU A 43 16.74 -18.51 -6.27
N GLU A 44 16.72 -17.20 -6.39
CA GLU A 44 15.84 -16.49 -7.31
C GLU A 44 16.68 -15.81 -8.36
N GLN A 45 16.04 -15.49 -9.48
CA GLN A 45 16.69 -14.78 -10.57
C GLN A 45 15.80 -13.62 -10.98
N ILE A 46 16.40 -12.44 -11.13
CA ILE A 46 15.73 -11.27 -11.69
C ILE A 46 16.83 -10.49 -12.43
N PRO A 47 16.65 -10.25 -13.74
CA PRO A 47 17.64 -9.44 -14.44
C PRO A 47 17.84 -8.05 -13.82
N GLU A 48 19.09 -7.61 -13.75
CA GLU A 48 19.49 -6.27 -13.28
C GLU A 48 18.62 -5.15 -13.83
N GLU A 49 18.37 -5.17 -15.13
CA GLU A 49 17.62 -4.10 -15.81
C GLU A 49 16.12 -4.07 -15.46
N ASP A 50 15.66 -5.05 -14.67
CA ASP A 50 14.26 -5.16 -14.25
C ASP A 50 14.03 -4.82 -12.77
N LEU A 51 15.09 -4.69 -12.01
CA LEU A 51 15.02 -4.55 -10.55
C LEU A 51 14.25 -3.33 -10.07
N ALA A 52 14.54 -2.17 -10.68
CA ALA A 52 13.88 -0.94 -10.31
C ALA A 52 12.38 -1.02 -10.61
N LEU A 53 12.07 -1.63 -11.75
CA LEU A 53 10.70 -1.74 -12.22
C LEU A 53 9.93 -2.73 -11.39
N VAL A 54 10.56 -3.87 -11.07
CA VAL A 54 9.99 -4.89 -10.18
C VAL A 54 9.73 -4.35 -8.76
N ALA A 55 10.66 -3.55 -8.25
CA ALA A 55 10.55 -2.96 -6.90
C ALA A 55 9.33 -2.08 -6.79
N GLU A 56 9.19 -1.19 -7.77
CA GLU A 56 8.06 -0.31 -7.94
C GLU A 56 6.73 -1.06 -8.10
N LYS A 57 6.70 -2.02 -9.02
CA LYS A 57 5.53 -2.87 -9.24
C LYS A 57 5.08 -3.60 -7.98
N VAL A 58 6.01 -4.29 -7.32
CA VAL A 58 5.72 -5.13 -6.16
C VAL A 58 5.36 -4.36 -4.90
N SER A 59 5.86 -3.13 -4.79
CA SER A 59 5.57 -2.28 -3.63
C SER A 59 4.20 -1.61 -3.70
N ASN A 60 3.59 -1.62 -4.86
CA ASN A 60 2.34 -0.92 -5.05
C ASN A 60 1.19 -1.69 -4.39
N ILE A 61 0.47 -1.05 -3.46
CA ILE A 61 -0.59 -1.74 -2.74
C ILE A 61 -1.80 -2.14 -3.60
N ASN A 62 -1.95 -1.47 -4.74
CA ASN A 62 -3.10 -1.64 -5.61
C ASN A 62 -2.85 -2.75 -6.62
N THR A 63 -1.76 -2.65 -7.36
CA THR A 63 -1.45 -3.61 -8.42
C THR A 63 -0.28 -4.51 -8.00
N GLY A 64 0.30 -4.24 -6.83
CA GLY A 64 1.42 -5.04 -6.34
C GLY A 64 1.05 -5.72 -5.04
N ILE A 65 2.07 -6.07 -4.27
CA ILE A 65 1.85 -6.68 -2.96
C ILE A 65 1.54 -5.57 -1.94
N GLY A 66 2.43 -4.59 -1.87
CA GLY A 66 2.34 -3.53 -0.88
C GLY A 66 3.50 -3.58 0.08
N ALA A 67 4.41 -2.61 -0.01
CA ALA A 67 5.58 -2.52 0.87
C ALA A 67 6.24 -1.15 0.74
N ASP A 68 7.20 -0.87 1.60
CA ASP A 68 8.05 0.33 1.47
C ASP A 68 9.15 0.16 0.40
N GLY A 69 9.31 -1.06 -0.05
CA GLY A 69 10.21 -1.35 -1.13
C GLY A 69 10.53 -2.82 -1.16
N MET A 70 11.65 -3.14 -1.82
CA MET A 70 12.10 -4.48 -2.06
C MET A 70 13.56 -4.61 -1.61
N ILE A 71 13.87 -5.71 -0.93
CA ILE A 71 15.20 -5.96 -0.43
C ILE A 71 15.69 -7.30 -0.96
N LEU A 72 16.77 -7.26 -1.72
CA LEU A 72 17.42 -8.45 -2.22
C LEU A 72 18.46 -8.94 -1.23
N ILE A 73 18.40 -10.24 -0.92
CA ILE A 73 19.45 -10.90 -0.15
C ILE A 73 20.32 -11.68 -1.13
N CYS A 74 21.58 -11.27 -1.25
CA CYS A 74 22.44 -11.66 -2.37
C CYS A 74 23.76 -12.26 -1.90
N PRO A 75 24.41 -13.06 -2.77
CA PRO A 75 25.82 -13.44 -2.51
C PRO A 75 26.75 -12.21 -2.41
N SER A 76 27.84 -12.38 -1.67
CA SER A 76 28.83 -11.33 -1.46
C SER A 76 30.27 -11.86 -1.55
N ASP A 77 31.15 -11.03 -2.07
CA ASP A 77 32.57 -11.30 -2.04
C ASP A 77 33.21 -11.06 -0.68
N VAL A 78 32.58 -10.24 0.16
CA VAL A 78 33.19 -9.78 1.42
C VAL A 78 32.46 -10.16 2.72
N ALA A 79 31.25 -10.68 2.60
CA ALA A 79 30.46 -11.14 3.76
C ALA A 79 29.69 -12.36 3.30
N PRO A 80 29.06 -13.10 4.24
CA PRO A 80 28.16 -14.19 3.85
C PRO A 80 26.98 -13.77 2.97
N VAL A 81 26.45 -12.57 3.22
CA VAL A 81 25.34 -12.01 2.45
C VAL A 81 25.54 -10.51 2.18
N LYS A 82 24.98 -10.07 1.06
CA LYS A 82 24.87 -8.67 0.66
C LYS A 82 23.40 -8.23 0.60
N MET A 83 23.09 -7.06 1.15
CA MET A 83 21.75 -6.48 1.11
C MET A 83 21.71 -5.39 0.05
N ARG A 84 20.78 -5.51 -0.89
CA ARG A 84 20.45 -4.42 -1.79
C ARG A 84 19.01 -3.98 -1.53
N MET A 85 18.84 -2.68 -1.30
CA MET A 85 17.56 -2.10 -0.99
C MET A 85 17.06 -1.17 -2.09
N PHE A 86 15.81 -1.37 -2.51
CA PHE A 86 15.13 -0.52 -3.47
C PHE A 86 13.90 0.08 -2.82
N ASN A 87 13.72 1.37 -3.01
CA ASN A 87 12.54 2.09 -2.54
C ASN A 87 11.36 1.82 -3.47
N ASN A 88 10.18 2.28 -3.08
CA ASN A 88 8.99 1.96 -3.87
C ASN A 88 8.90 2.73 -5.18
N ASP A 89 9.83 3.65 -5.43
CA ASP A 89 9.93 4.33 -6.72
C ASP A 89 10.99 3.69 -7.63
N GLY A 90 11.61 2.60 -7.15
CA GLY A 90 12.60 1.85 -7.92
C GLY A 90 14.03 2.32 -7.76
N SER A 91 14.23 3.42 -7.02
CA SER A 91 15.57 3.89 -6.74
C SER A 91 16.22 2.96 -5.74
N GLU A 92 17.46 2.58 -6.01
CA GLU A 92 18.26 1.79 -5.10
C GLU A 92 19.01 2.74 -4.21
N GLY A 93 19.03 2.45 -2.92
CA GLY A 93 19.66 3.34 -1.99
C GLY A 93 20.14 2.72 -0.73
N LYS A 94 20.71 3.59 0.10
CA LYS A 94 21.14 3.23 1.42
C LYS A 94 19.88 3.09 2.27
N SER A 95 19.92 2.15 3.22
CA SER A 95 18.79 1.81 4.06
C SER A 95 18.60 2.75 5.25
N CYS A 96 19.66 3.47 5.61
CA CYS A 96 19.92 3.93 7.00
C CYS A 96 19.23 3.04 8.06
N GLY A 97 19.72 1.80 8.11
CA GLY A 97 19.35 0.82 9.12
C GLY A 97 18.18 -0.07 8.79
N ASN A 98 17.42 0.28 7.75
CA ASN A 98 16.14 -0.39 7.46
C ASN A 98 16.39 -1.76 6.86
N GLY A 99 15.67 -2.75 7.38
CA GLY A 99 15.71 -4.09 6.84
C GLY A 99 16.86 -4.95 7.29
N LEU A 100 17.87 -4.36 7.92
CA LEU A 100 19.04 -5.13 8.38
C LEU A 100 18.71 -6.26 9.36
N ARG A 101 17.76 -6.02 10.26
CA ARG A 101 17.34 -7.03 11.22
C ARG A 101 16.56 -8.20 10.60
N CYS A 102 15.75 -7.90 9.59
CA CYS A 102 15.02 -8.89 8.84
C CYS A 102 15.97 -9.67 7.95
N VAL A 103 16.88 -8.97 7.30
CA VAL A 103 17.96 -9.67 6.60
C VAL A 103 18.74 -10.63 7.53
N ALA A 104 19.03 -10.18 8.75
CA ALA A 104 19.80 -10.99 9.69
C ALA A 104 19.00 -12.24 10.09
N LYS A 105 17.75 -12.04 10.48
CA LYS A 105 16.80 -13.14 10.72
C LYS A 105 16.68 -14.12 9.51
N TYR A 106 16.32 -13.58 8.37
CA TYR A 106 16.24 -14.38 7.17
C TYR A 106 17.52 -15.20 6.95
N ALA A 107 18.69 -14.54 6.97
CA ALA A 107 19.98 -15.22 6.67
C ALA A 107 20.25 -16.38 7.60
N TYR A 108 20.00 -16.16 8.88
CA TYR A 108 20.23 -17.18 9.89
C TYR A 108 19.26 -18.36 9.76
N GLU A 109 17.98 -18.08 9.59
CA GLU A 109 16.97 -19.14 9.53
C GLU A 109 17.04 -19.95 8.24
N HIS A 110 17.48 -19.31 7.16
CA HIS A 110 17.64 -19.99 5.87
C HIS A 110 19.07 -20.49 5.66
N LYS A 111 19.82 -20.56 6.77
CA LYS A 111 21.15 -21.16 6.84
C LYS A 111 22.16 -20.59 5.86
N LEU A 112 22.01 -19.33 5.51
CA LEU A 112 22.98 -18.60 4.70
C LEU A 112 24.23 -18.22 5.55
N VAL A 113 24.09 -18.30 6.87
CA VAL A 113 25.21 -18.15 7.80
C VAL A 113 25.25 -19.31 8.80
N GLU A 114 26.42 -19.53 9.40
CA GLU A 114 26.66 -20.63 10.35
C GLU A 114 26.59 -20.23 11.83
N ASP A 115 26.48 -18.95 12.13
CA ASP A 115 26.70 -18.45 13.49
C ASP A 115 25.71 -17.36 13.83
N THR A 116 25.57 -17.08 15.12
CA THR A 116 24.68 -16.03 15.59
C THR A 116 25.26 -14.63 15.38
N VAL A 117 26.57 -14.55 15.16
CA VAL A 117 27.26 -13.30 14.85
C VAL A 117 27.83 -13.38 13.45
N PHE A 118 27.49 -12.40 12.62
CA PHE A 118 27.94 -12.39 11.22
C PHE A 118 27.90 -10.97 10.64
N THR A 119 28.25 -10.83 9.38
CA THR A 119 28.28 -9.53 8.75
C THR A 119 27.37 -9.52 7.52
N ILE A 120 26.93 -8.31 7.16
CA ILE A 120 26.08 -8.07 5.99
C ILE A 120 26.74 -6.96 5.17
N GLU A 121 26.99 -7.20 3.90
CA GLU A 121 27.50 -6.15 3.05
C GLU A 121 26.35 -5.22 2.62
N THR A 122 26.50 -3.91 2.84
CA THR A 122 25.54 -2.93 2.37
C THR A 122 26.21 -1.87 1.51
N LEU A 123 25.40 -1.02 0.89
CA LEU A 123 25.88 0.07 0.05
C LEU A 123 26.61 1.11 0.92
N ALA A 124 26.18 1.24 2.18
CA ALA A 124 26.81 2.12 3.17
C ALA A 124 28.01 1.50 3.91
N GLY A 125 28.41 0.28 3.55
CA GLY A 125 29.52 -0.44 4.23
C GLY A 125 29.09 -1.75 4.87
N ILE A 126 30.05 -2.49 5.43
CA ILE A 126 29.79 -3.81 6.01
C ILE A 126 29.34 -3.68 7.47
N VAL A 127 28.25 -4.38 7.78
CA VAL A 127 27.52 -4.23 9.04
C VAL A 127 27.60 -5.54 9.83
N THR A 128 27.94 -5.45 11.11
CA THR A 128 27.88 -6.60 12.02
C THR A 128 26.45 -6.83 12.54
N ALA A 129 26.03 -8.09 12.57
CA ALA A 129 24.70 -8.47 13.01
C ALA A 129 24.84 -9.60 14.01
N GLU A 130 24.05 -9.54 15.10
CA GLU A 130 23.96 -10.60 16.10
C GLU A 130 22.50 -10.94 16.43
N VAL A 131 22.09 -12.14 16.03
CA VAL A 131 20.75 -12.65 16.25
C VAL A 131 20.58 -13.33 17.61
N THR A 132 19.41 -13.10 18.20
CA THR A 132 18.93 -13.75 19.40
C THR A 132 17.98 -14.84 18.92
N VAL A 133 18.34 -16.08 19.20
CA VAL A 133 17.54 -17.23 18.79
C VAL A 133 16.86 -17.74 20.04
N GLU A 134 15.62 -18.17 19.91
CA GLU A 134 14.89 -18.65 21.07
C GLU A 134 14.47 -20.11 20.93
N GLU A 135 13.68 -20.41 19.91
CA GLU A 135 13.23 -21.80 19.71
C GLU A 135 13.42 -22.17 18.25
N GLY A 136 14.67 -22.03 17.81
CA GLY A 136 15.02 -22.21 16.40
C GLY A 136 14.70 -20.99 15.55
N LYS A 137 14.06 -19.99 16.14
CA LYS A 137 13.67 -18.80 15.40
C LYS A 137 14.42 -17.60 15.94
N VAL A 138 14.65 -16.62 15.09
CA VAL A 138 15.29 -15.38 15.49
C VAL A 138 14.22 -14.40 15.98
N THR A 139 14.32 -14.02 17.24
CA THR A 139 13.38 -13.10 17.86
C THR A 139 13.82 -11.64 17.77
N LEU A 140 15.11 -11.38 17.99
CA LEU A 140 15.70 -10.03 17.89
C LEU A 140 17.06 -10.10 17.19
N ALA A 141 17.41 -8.99 16.52
CA ALA A 141 18.70 -8.84 15.88
C ALA A 141 19.31 -7.54 16.34
N LYS A 142 20.62 -7.57 16.60
CA LYS A 142 21.39 -6.43 17.11
C LYS A 142 22.36 -6.00 16.01
N ILE A 143 22.22 -4.77 15.56
CA ILE A 143 22.95 -4.25 14.40
C ILE A 143 23.88 -3.15 14.88
N ASP A 144 25.07 -3.10 14.29
CA ASP A 144 26.01 -1.99 14.52
C ASP A 144 25.60 -0.82 13.63
N MET A 145 25.16 0.26 14.26
CA MET A 145 24.75 1.44 13.54
C MET A 145 25.88 2.45 13.37
N GLY A 146 27.03 2.16 13.97
CA GLY A 146 28.23 2.99 13.83
C GLY A 146 28.27 4.08 14.88
N ALA A 147 29.26 4.94 14.77
CA ALA A 147 29.45 6.01 15.70
C ALA A 147 28.58 7.20 15.30
N PRO A 148 28.11 7.99 16.28
CA PRO A 148 27.44 9.24 15.93
C PRO A 148 28.44 10.28 15.43
N ARG A 149 27.96 11.25 14.66
CA ARG A 149 28.76 12.37 14.18
C ARG A 149 28.10 13.64 14.71
N LEU A 150 28.90 14.46 15.38
CA LEU A 150 28.44 15.53 16.25
C LEU A 150 28.84 16.95 15.81
N THR A 151 29.60 17.05 14.72
CA THR A 151 29.96 18.33 14.09
C THR A 151 28.86 18.93 13.21
N ARG A 152 28.84 20.26 13.09
CA ARG A 152 27.85 20.97 12.26
C ARG A 152 27.97 20.48 10.83
N ALA A 153 29.20 20.42 10.33
CA ALA A 153 29.49 19.93 9.00
C ALA A 153 29.00 18.50 8.73
N GLU A 154 28.82 17.70 9.80
CA GLU A 154 28.43 16.28 9.68
C GLU A 154 26.93 16.04 9.74
N ILE A 155 26.18 17.03 10.23
CA ILE A 155 24.73 16.91 10.38
C ILE A 155 24.01 16.72 9.01
N PRO A 156 24.16 17.66 8.03
CA PRO A 156 24.87 18.94 8.05
C PRO A 156 23.97 20.11 8.51
N MET A 157 24.62 21.18 8.95
CA MET A 157 23.95 22.22 9.67
C MET A 157 24.72 23.52 9.53
N LEU A 158 24.02 24.64 9.67
CA LEU A 158 24.65 25.96 9.67
C LEU A 158 24.86 26.45 11.10
N GLY A 159 25.61 27.55 11.22
CA GLY A 159 25.94 28.15 12.51
C GLY A 159 27.30 27.73 12.99
N GLU A 160 27.68 28.18 14.19
CA GLU A 160 28.98 27.85 14.79
C GLU A 160 28.85 27.43 16.28
N GLY A 161 29.69 26.47 16.69
CA GLY A 161 29.68 25.90 18.05
C GLY A 161 29.26 24.42 18.15
N GLU A 162 30.22 23.52 18.38
CA GLU A 162 29.91 22.12 18.68
C GLU A 162 30.71 21.58 19.84
N THR A 163 31.01 22.41 20.83
CA THR A 163 31.83 21.98 21.96
C THR A 163 31.01 21.99 23.26
N PRO A 164 30.90 20.84 23.94
CA PRO A 164 31.34 19.48 23.52
C PRO A 164 30.43 18.87 22.44
N PHE A 165 29.27 19.46 22.20
CA PHE A 165 28.32 18.97 21.19
C PHE A 165 27.33 20.10 20.86
N ILE A 166 26.46 19.84 19.89
CA ILE A 166 25.53 20.85 19.39
C ILE A 166 24.22 20.84 20.15
N ARG A 167 23.93 21.94 20.82
CA ARG A 167 22.66 22.15 21.51
C ARG A 167 22.23 23.57 21.29
N GLU A 168 21.07 23.77 20.68
CA GLU A 168 20.56 25.11 20.37
C GLU A 168 19.24 25.34 21.09
N ASN A 169 19.00 26.58 21.50
CA ASN A 169 17.64 26.98 21.90
C ASN A 169 16.82 27.25 20.63
N PHE A 170 15.51 27.11 20.75
CA PHE A 170 14.57 27.37 19.65
C PHE A 170 13.25 27.96 20.20
N LEU A 171 12.89 29.16 19.79
CA LEU A 171 11.62 29.75 20.19
C LEU A 171 10.56 29.41 19.15
N TYR A 172 9.46 28.80 19.60
CA TYR A 172 8.33 28.49 18.71
C TYR A 172 7.03 28.48 19.50
N ASN A 173 6.08 29.33 19.08
CA ASN A 173 4.72 29.36 19.69
C ASN A 173 4.77 29.72 21.17
N ASN A 174 5.58 30.74 21.49
CA ASN A 174 5.79 31.24 22.86
C ASN A 174 6.36 30.23 23.86
N HIS A 175 6.92 29.13 23.38
CA HIS A 175 7.65 28.18 24.22
C HIS A 175 9.11 28.23 23.80
N ARG A 176 9.99 27.95 24.75
CA ARG A 176 11.40 27.78 24.47
C ARG A 176 11.68 26.28 24.47
N TYR A 177 12.11 25.76 23.32
CA TYR A 177 12.61 24.38 23.22
C TYR A 177 14.14 24.41 23.17
N ALA A 178 14.75 23.25 23.22
CA ALA A 178 16.17 23.11 22.96
C ALA A 178 16.41 21.77 22.27
N PHE A 179 17.15 21.76 21.17
CA PHE A 179 17.46 20.49 20.50
C PHE A 179 18.97 20.20 20.51
N THR A 180 19.32 18.91 20.59
CA THR A 180 20.69 18.43 20.41
C THR A 180 20.81 17.81 19.00
N ALA A 181 21.83 18.20 18.25
CA ALA A 181 21.98 17.78 16.86
C ALA A 181 22.97 16.62 16.74
N VAL A 182 22.55 15.59 16.02
CA VAL A 182 23.31 14.34 15.88
C VAL A 182 23.09 13.74 14.48
N SER A 183 24.16 13.18 13.91
CA SER A 183 24.07 12.41 12.67
C SER A 183 24.45 10.95 12.92
N MET A 184 23.59 10.05 12.47
CA MET A 184 23.87 8.64 12.41
C MET A 184 24.00 8.23 10.95
N GLY A 185 24.48 9.14 10.12
CA GLY A 185 24.46 8.98 8.67
C GLY A 185 23.37 9.84 8.06
N ASN A 186 22.44 10.29 8.90
CA ASN A 186 21.34 11.16 8.52
C ASN A 186 21.06 12.14 9.67
N PRO A 187 20.52 13.35 9.36
CA PRO A 187 20.45 14.42 10.37
C PRO A 187 19.33 14.27 11.39
N HIS A 188 19.64 14.58 12.66
CA HIS A 188 18.68 14.47 13.74
C HIS A 188 18.79 15.65 14.71
N ALA A 189 17.62 16.17 15.12
CA ALA A 189 17.48 17.21 16.14
C ALA A 189 16.60 16.63 17.25
N VAL A 190 17.20 16.38 18.41
CA VAL A 190 16.50 15.72 19.52
C VAL A 190 16.04 16.74 20.56
N ILE A 191 14.72 16.81 20.77
CA ILE A 191 14.09 17.64 21.78
C ILE A 191 13.58 16.77 22.94
N PHE A 192 13.71 17.27 24.17
CA PHE A 192 13.27 16.56 25.37
C PHE A 192 11.96 17.15 25.87
N VAL A 193 11.03 16.30 26.23
CA VAL A 193 9.69 16.72 26.62
C VAL A 193 9.31 15.97 27.88
N ASP A 194 8.24 16.43 28.52
CA ASP A 194 7.75 15.78 29.74
C ASP A 194 6.73 14.71 29.44
N ASP A 195 6.06 14.82 28.29
CA ASP A 195 5.05 13.84 27.84
C ASP A 195 5.08 13.81 26.30
N VAL A 196 5.47 12.69 25.69
CA VAL A 196 5.49 12.60 24.21
C VAL A 196 4.10 12.64 23.59
N GLU A 197 3.08 12.25 24.35
CA GLU A 197 1.71 12.30 23.85
C GLU A 197 1.27 13.73 23.56
N GLN A 198 1.88 14.71 24.21
CA GLN A 198 1.60 16.13 23.91
C GLN A 198 2.80 16.90 23.37
N ALA A 199 3.71 16.17 22.73
CA ALA A 199 4.83 16.80 22.04
C ALA A 199 4.22 17.58 20.88
N PRO A 200 4.83 18.73 20.52
CA PRO A 200 4.35 19.50 19.38
C PRO A 200 4.86 18.87 18.09
N LEU A 201 4.47 17.63 17.87
CA LEU A 201 5.05 16.76 16.86
C LEU A 201 4.73 17.21 15.43
N THR A 202 3.45 17.41 15.16
CA THR A 202 2.94 17.81 13.84
C THR A 202 3.00 19.32 13.59
N THR A 203 3.43 20.06 14.60
CA THR A 203 3.38 21.50 14.58
C THR A 203 4.81 22.11 14.62
N LEU A 204 5.62 21.71 15.60
CA LEU A 204 7.01 22.16 15.66
C LEU A 204 7.88 21.27 14.77
N GLY A 205 7.42 20.05 14.55
CA GLY A 205 8.14 19.09 13.74
C GLY A 205 8.49 19.63 12.38
N PRO A 206 7.47 19.96 11.56
CA PRO A 206 7.74 20.50 10.22
C PRO A 206 8.42 21.87 10.12
N VAL A 207 8.25 22.75 11.12
CA VAL A 207 8.90 24.07 11.04
C VAL A 207 10.43 23.96 11.28
N LEU A 208 10.83 23.02 12.12
CA LEU A 208 12.26 22.75 12.39
C LEU A 208 12.86 21.84 11.31
N GLU A 209 12.07 20.93 10.79
CA GLU A 209 12.48 20.07 9.68
C GLU A 209 13.07 20.88 8.51
N THR A 210 12.42 22.00 8.20
CA THR A 210 12.70 22.76 7.00
C THR A 210 13.39 24.09 7.33
N HIS A 211 13.77 24.31 8.59
CA HIS A 211 14.45 25.54 9.00
C HIS A 211 15.76 25.68 8.22
N GLU A 212 16.06 26.92 7.83
CA GLU A 212 17.19 27.24 6.97
C GLU A 212 18.55 26.79 7.49
N MET A 213 18.67 26.57 8.80
CA MET A 213 19.90 26.06 9.40
C MET A 213 20.12 24.56 9.13
N PHE A 214 19.10 23.90 8.58
CA PHE A 214 19.23 22.51 8.13
C PHE A 214 19.00 22.51 6.61
N PRO A 215 20.06 22.74 5.80
CA PRO A 215 19.93 22.83 4.33
C PRO A 215 19.52 21.54 3.65
N GLU A 216 19.84 20.41 4.26
CA GLU A 216 19.43 19.07 3.81
C GLU A 216 18.21 18.57 4.62
N ARG A 217 17.59 19.46 5.42
CA ARG A 217 16.53 19.11 6.37
C ARG A 217 17.03 18.28 7.56
N VAL A 218 16.10 17.95 8.45
CA VAL A 218 16.40 17.22 9.68
C VAL A 218 15.17 16.46 10.16
N ASN A 219 15.42 15.35 10.83
CA ASN A 219 14.42 14.54 11.49
C ASN A 219 14.34 15.07 12.89
N VAL A 220 13.13 15.34 13.39
CA VAL A 220 12.92 15.93 14.70
C VAL A 220 12.33 14.93 15.71
N GLU A 221 13.13 14.54 16.69
CA GLU A 221 12.73 13.57 17.70
C GLU A 221 12.27 14.27 18.96
N PHE A 222 11.22 13.71 19.56
CA PHE A 222 10.72 14.19 20.84
C PHE A 222 10.80 13.02 21.80
N ILE A 223 11.42 13.23 22.95
CA ILE A 223 11.60 12.14 23.91
C ILE A 223 11.27 12.49 25.37
N GLU A 224 10.66 11.52 26.04
CA GLU A 224 10.37 11.56 27.44
C GLU A 224 11.30 10.56 28.12
N ILE A 225 12.18 11.09 28.96
CA ILE A 225 13.02 10.26 29.81
C ILE A 225 12.16 9.77 31.00
N LEU A 226 11.94 8.46 31.09
CA LEU A 226 11.12 7.87 32.17
C LEU A 226 12.00 7.47 33.37
N ASN A 227 13.18 6.96 33.04
CA ASN A 227 14.21 6.65 34.00
C ASN A 227 15.55 6.61 33.22
N GLU A 228 16.61 6.10 33.84
CA GLU A 228 17.96 6.18 33.25
C GLU A 228 18.26 5.09 32.22
N GLU A 229 17.37 4.10 32.10
CA GLU A 229 17.52 3.02 31.10
C GLU A 229 16.32 2.94 30.13
N GLU A 230 15.55 4.02 30.01
CA GLU A 230 14.23 3.92 29.39
C GLU A 230 13.66 5.27 29.00
N MET A 231 13.06 5.31 27.81
CA MET A 231 12.48 6.53 27.26
C MET A 231 11.34 6.22 26.29
N ASN A 232 10.43 7.18 26.15
CA ASN A 232 9.43 7.19 25.10
C ASN A 232 9.89 8.07 23.96
N PHE A 233 9.47 7.72 22.74
CA PHE A 233 10.01 8.27 21.50
C PHE A 233 8.88 8.55 20.48
N ARG A 234 8.94 9.73 19.87
CA ARG A 234 8.17 10.06 18.67
C ARG A 234 9.08 10.83 17.72
N VAL A 235 8.76 10.81 16.43
CA VAL A 235 9.59 11.47 15.43
C VAL A 235 8.75 12.04 14.29
N TRP A 236 9.04 13.29 13.96
CA TRP A 236 8.65 13.83 12.69
C TRP A 236 9.82 13.61 11.72
N GLU A 237 9.62 12.68 10.80
CA GLU A 237 10.61 12.42 9.77
C GLU A 237 10.63 13.46 8.66
N ARG A 238 11.83 13.92 8.41
CA ARG A 238 12.25 14.57 7.18
C ARG A 238 11.60 13.87 5.98
N GLY A 239 10.89 14.64 5.15
CA GLY A 239 10.28 14.08 3.94
C GLY A 239 8.98 13.31 4.14
N SER A 240 8.87 12.52 5.22
CA SER A 240 7.64 11.76 5.50
C SER A 240 6.66 12.50 6.43
N GLY A 241 7.06 12.66 7.70
CA GLY A 241 6.16 13.17 8.73
C GLY A 241 6.21 12.25 9.93
N VAL A 242 5.06 11.92 10.50
CA VAL A 242 5.02 11.14 11.73
C VAL A 242 5.12 9.65 11.42
N THR A 243 6.23 9.02 11.82
CA THR A 243 6.46 7.59 11.53
C THR A 243 6.46 6.70 12.80
N GLN A 244 6.06 5.44 12.62
CA GLN A 244 5.95 4.46 13.71
C GLN A 244 7.30 4.05 14.31
N ALA A 245 8.37 4.24 13.53
CA ALA A 245 9.64 3.57 13.78
C ALA A 245 10.75 4.18 12.97
N CYS A 246 11.61 4.95 13.63
CA CYS A 246 12.80 5.52 13.01
C CYS A 246 13.99 5.04 13.85
N GLY A 247 14.70 4.04 13.34
CA GLY A 247 15.83 3.41 14.02
C GLY A 247 17.01 4.35 14.24
N THR A 248 17.49 5.00 13.18
CA THR A 248 18.57 5.97 13.31
C THR A 248 18.20 7.06 14.31
N GLY A 249 16.94 7.46 14.30
CA GLY A 249 16.45 8.51 15.20
C GLY A 249 16.43 8.11 16.65
N ALA A 250 16.10 6.84 16.89
CA ALA A 250 16.11 6.26 18.25
C ALA A 250 17.55 6.27 18.82
N CYS A 251 18.50 5.90 17.97
CA CYS A 251 19.94 5.97 18.28
C CYS A 251 20.41 7.39 18.56
N ALA A 252 20.09 8.31 17.64
CA ALA A 252 20.33 9.74 17.84
C ALA A 252 19.83 10.20 19.21
N ALA A 253 18.62 9.77 19.57
CA ALA A 253 17.96 10.16 20.81
C ALA A 253 18.71 9.67 22.05
N VAL A 254 19.19 8.44 21.98
CA VAL A 254 19.96 7.83 23.07
C VAL A 254 21.36 8.49 23.21
N VAL A 255 21.97 8.82 22.07
CA VAL A 255 23.22 9.60 22.04
C VAL A 255 22.96 10.97 22.65
N ALA A 256 21.87 11.63 22.19
CA ALA A 256 21.49 12.95 22.71
C ALA A 256 21.30 12.99 24.23
N SER A 257 20.66 11.97 24.79
CA SER A 257 20.47 11.90 26.24
C SER A 257 21.74 11.54 27.00
N ILE A 258 22.65 10.80 26.38
CA ILE A 258 23.93 10.56 27.05
C ILE A 258 24.78 11.84 27.04
N LEU A 259 24.82 12.54 25.91
CA LEU A 259 25.50 13.84 25.81
C LEU A 259 25.03 14.81 26.90
N ASN A 260 23.72 14.96 27.00
CA ASN A 260 23.08 15.82 28.00
C ASN A 260 23.14 15.31 29.45
N GLY A 261 23.90 14.25 29.70
CA GLY A 261 24.07 13.73 31.05
C GLY A 261 22.86 13.02 31.64
N LYS A 262 21.82 12.79 30.84
CA LYS A 262 20.59 12.16 31.33
C LYS A 262 20.68 10.64 31.32
N MET A 263 21.61 10.08 30.53
CA MET A 263 21.80 8.63 30.48
C MET A 263 23.27 8.25 30.37
N GLU A 264 23.58 6.97 30.63
CA GLU A 264 24.97 6.50 30.66
C GLU A 264 25.43 5.84 29.36
N ARG A 265 26.68 6.13 29.02
CA ARG A 265 27.42 5.45 27.96
C ARG A 265 27.60 3.97 28.31
N GLY A 266 27.41 3.08 27.33
CA GLY A 266 27.52 1.64 27.58
C GLY A 266 26.31 0.91 28.15
N LYS A 267 25.34 1.64 28.68
CA LYS A 267 24.09 1.04 29.16
C LYS A 267 23.12 0.77 28.00
N GLU A 268 22.43 -0.38 28.07
CA GLU A 268 21.37 -0.72 27.12
C GLU A 268 20.06 -0.03 27.49
N ILE A 269 19.64 0.90 26.65
CA ILE A 269 18.44 1.73 26.87
C ILE A 269 17.30 1.27 25.96
N THR A 270 16.15 1.00 26.59
CA THR A 270 14.93 0.64 25.91
C THR A 270 14.22 1.90 25.47
N VAL A 271 14.00 2.00 24.17
CA VAL A 271 13.26 3.08 23.61
C VAL A 271 11.90 2.52 23.22
N HIS A 272 10.86 3.07 23.83
CA HIS A 272 9.50 2.77 23.44
C HIS A 272 9.04 3.69 22.32
N LEU A 273 9.10 3.18 21.09
CA LEU A 273 8.52 3.87 19.96
C LEU A 273 7.06 3.47 19.85
N ALA A 274 6.35 4.15 18.95
CA ALA A 274 4.96 3.81 18.62
C ALA A 274 4.82 2.37 18.11
N GLY A 275 5.71 1.93 17.23
CA GLY A 275 5.64 0.59 16.64
C GLY A 275 6.16 -0.59 17.48
N GLY A 276 6.85 -0.30 18.60
CA GLY A 276 7.46 -1.31 19.47
C GLY A 276 8.72 -0.82 20.19
N ASP A 277 9.48 -1.77 20.76
CA ASP A 277 10.69 -1.44 21.51
C ASP A 277 11.96 -1.70 20.75
N LEU A 278 12.94 -0.83 21.00
CA LEU A 278 14.31 -0.95 20.49
C LEU A 278 15.28 -0.83 21.65
N MET A 279 16.33 -1.64 21.67
CA MET A 279 17.30 -1.65 22.77
C MET A 279 18.62 -1.17 22.22
N ILE A 280 19.05 -0.01 22.72
CA ILE A 280 20.16 0.72 22.13
C ILE A 280 21.25 1.02 23.19
N ALA A 281 22.51 0.81 22.83
CA ALA A 281 23.66 1.17 23.67
C ALA A 281 24.63 1.95 22.81
N TRP A 282 25.08 3.09 23.33
CA TRP A 282 26.19 3.81 22.73
C TRP A 282 27.41 3.29 23.48
N THR A 283 28.12 2.37 22.84
CA THR A 283 29.22 1.65 23.49
C THR A 283 30.41 2.58 23.77
N GLU A 284 31.27 2.18 24.69
CA GLU A 284 32.43 2.98 25.05
C GLU A 284 33.45 3.03 23.91
N GLU A 285 33.46 1.99 23.09
CA GLU A 285 34.31 1.94 21.88
C GLU A 285 33.94 3.04 20.86
N GLY A 286 32.67 3.42 20.83
CA GLY A 286 32.21 4.54 20.00
C GLY A 286 30.98 4.22 19.18
N ASN A 287 30.82 2.94 18.85
CA ASN A 287 29.76 2.49 17.96
C ASN A 287 28.45 2.34 18.74
N VAL A 288 27.32 2.61 18.07
CA VAL A 288 26.00 2.46 18.63
C VAL A 288 25.37 1.14 18.14
N LEU A 289 24.94 0.32 19.09
CA LEU A 289 24.35 -0.98 18.80
C LEU A 289 22.84 -0.94 19.01
N MET A 290 22.09 -1.41 18.03
CA MET A 290 20.62 -1.32 18.05
C MET A 290 19.98 -2.69 17.92
N LYS A 291 19.17 -3.07 18.93
CA LYS A 291 18.53 -4.37 18.99
C LYS A 291 17.00 -4.23 18.95
N GLY A 292 16.38 -5.03 18.08
CA GLY A 292 14.96 -4.95 17.89
C GLY A 292 14.40 -6.14 17.18
N PRO A 293 13.07 -6.19 17.06
CA PRO A 293 12.36 -7.32 16.49
C PRO A 293 12.44 -7.37 14.95
N ALA A 294 12.07 -8.53 14.41
CA ALA A 294 11.92 -8.73 12.98
C ALA A 294 10.86 -9.81 12.79
N GLU A 295 9.81 -9.54 11.99
CA GLU A 295 8.67 -10.43 11.86
C GLU A 295 8.30 -10.75 10.45
N VAL A 296 8.00 -12.03 10.21
CA VAL A 296 7.39 -12.47 8.98
C VAL A 296 5.91 -12.14 9.02
N ILE A 297 5.42 -11.56 7.91
CA ILE A 297 4.00 -11.30 7.67
C ILE A 297 3.46 -12.42 6.79
N CYS A 298 4.14 -12.66 5.69
CA CYS A 298 3.72 -13.69 4.77
C CYS A 298 4.88 -14.16 3.91
N ARG A 299 4.70 -15.30 3.27
CA ARG A 299 5.65 -15.77 2.29
C ARG A 299 4.83 -16.28 1.11
N GLY A 300 5.38 -16.22 -0.07
CA GLY A 300 4.61 -16.66 -1.23
C GLY A 300 5.35 -16.59 -2.52
N VAL A 301 4.58 -16.61 -3.60
CA VAL A 301 5.07 -16.44 -4.97
C VAL A 301 4.38 -15.19 -5.53
N TYR A 302 5.19 -14.26 -6.04
CA TYR A 302 4.71 -13.09 -6.76
C TYR A 302 4.88 -13.31 -8.24
N GLU A 303 3.82 -13.02 -8.99
CA GLU A 303 3.76 -13.17 -10.42
C GLU A 303 3.71 -11.79 -11.08
N TYR A 304 4.45 -11.63 -12.18
CA TYR A 304 4.48 -10.33 -12.85
C TYR A 304 4.77 -10.44 -14.32
N LYS A 305 4.47 -9.35 -15.04
CA LYS A 305 4.71 -9.25 -16.47
C LYS A 305 5.38 -7.92 -16.76
N ILE A 306 6.35 -7.94 -17.66
CA ILE A 306 7.05 -6.73 -18.09
C ILE A 306 7.02 -6.63 -19.62
N GLU A 307 6.26 -5.65 -20.12
CA GLU A 307 6.21 -5.34 -21.56
C GLU A 307 7.01 -4.08 -21.85
N GLY B 13 -20.78 -12.58 29.05
CA GLY B 13 -19.63 -12.25 28.13
C GLY B 13 -18.31 -12.54 28.80
N LEU B 14 -17.21 -12.36 28.06
CA LEU B 14 -15.89 -12.76 28.53
C LEU B 14 -14.78 -11.78 28.12
N VAL B 15 -13.89 -11.48 29.08
CA VAL B 15 -12.66 -10.73 28.80
C VAL B 15 -11.53 -11.73 28.49
N PRO B 16 -11.15 -11.86 27.20
CA PRO B 16 -10.30 -12.98 26.83
C PRO B 16 -8.89 -12.82 27.36
N ARG B 17 -8.27 -13.95 27.69
CA ARG B 17 -6.85 -13.97 28.02
C ARG B 17 -6.18 -15.03 27.17
N GLY B 18 -4.87 -14.92 27.03
CA GLY B 18 -4.13 -15.82 26.20
C GLY B 18 -3.89 -15.23 24.84
N SER B 19 -3.56 -16.08 23.90
CA SER B 19 -3.14 -15.62 22.60
C SER B 19 -3.35 -16.76 21.64
N HIS B 20 -3.53 -16.46 20.37
CA HIS B 20 -3.49 -17.53 19.40
C HIS B 20 -2.80 -17.13 18.12
N MET B 21 -2.11 -18.12 17.58
CA MET B 21 -1.24 -17.95 16.43
C MET B 21 -1.80 -18.85 15.37
N SER B 22 -2.09 -18.30 14.21
CA SER B 22 -2.50 -19.13 13.09
C SER B 22 -1.89 -18.66 11.77
N GLN B 23 -2.36 -19.28 10.70
CA GLN B 23 -2.00 -18.90 9.35
C GLN B 23 -3.09 -19.37 8.38
N PHE B 24 -3.11 -18.79 7.20
CA PHE B 24 -3.92 -19.34 6.14
C PHE B 24 -3.29 -19.04 4.80
N SER B 25 -3.55 -19.90 3.82
CA SER B 25 -3.20 -19.60 2.44
C SER B 25 -4.15 -18.54 1.89
N PHE B 26 -3.62 -17.70 1.00
CA PHE B 26 -4.38 -16.60 0.41
C PHE B 26 -3.90 -16.42 -1.03
N THR B 27 -4.73 -15.71 -1.79
CA THR B 27 -4.37 -15.16 -3.10
C THR B 27 -4.71 -13.66 -3.14
N LYS B 28 -3.75 -12.81 -3.48
CA LYS B 28 -4.07 -11.42 -3.87
C LYS B 28 -4.35 -11.32 -5.37
N MET B 29 -5.52 -10.80 -5.68
CA MET B 29 -5.97 -10.63 -7.05
C MET B 29 -6.45 -9.20 -7.25
N HIS B 30 -6.34 -8.74 -8.48
CA HIS B 30 -6.69 -7.40 -8.85
C HIS B 30 -7.64 -7.51 -10.03
N GLY B 31 -8.77 -6.80 -9.98
CA GLY B 31 -9.66 -6.74 -11.11
C GLY B 31 -9.70 -5.32 -11.67
N LEU B 32 -10.78 -4.63 -11.34
CA LEU B 32 -10.99 -3.25 -11.74
C LEU B 32 -10.96 -2.45 -10.45
N GLY B 33 -10.11 -1.45 -10.41
CA GLY B 33 -9.95 -0.65 -9.20
C GLY B 33 -9.34 -1.44 -8.06
N ASN B 34 -10.18 -1.97 -7.18
CA ASN B 34 -9.70 -2.53 -5.94
C ASN B 34 -8.81 -3.75 -6.11
N SER B 35 -8.03 -4.02 -5.07
CA SER B 35 -7.42 -5.33 -4.90
C SER B 35 -7.69 -5.80 -3.47
N TYR B 36 -8.07 -7.07 -3.33
CA TYR B 36 -8.38 -7.72 -2.05
C TYR B 36 -7.51 -8.97 -1.84
N ILE B 37 -7.50 -9.44 -0.59
CA ILE B 37 -6.93 -10.72 -0.19
C ILE B 37 -8.05 -11.75 -0.23
N TYR B 38 -7.86 -12.80 -1.01
CA TYR B 38 -8.89 -13.83 -1.21
C TYR B 38 -8.52 -15.04 -0.41
N VAL B 39 -9.46 -15.51 0.38
CA VAL B 39 -9.30 -16.69 1.21
C VAL B 39 -10.39 -17.69 0.88
N ASN B 40 -9.98 -18.93 0.62
CA ASN B 40 -10.87 -20.06 0.33
C ASN B 40 -11.32 -20.75 1.62
N MET B 41 -12.55 -20.46 2.04
CA MET B 41 -13.04 -20.96 3.33
C MET B 41 -13.54 -22.39 3.25
N PHE B 42 -13.50 -22.96 2.06
CA PHE B 42 -13.61 -24.42 1.87
C PHE B 42 -12.34 -25.16 2.39
N GLU B 43 -11.19 -24.50 2.38
CA GLU B 43 -9.91 -25.12 2.79
C GLU B 43 -9.27 -24.47 4.00
N GLU B 44 -9.57 -23.20 4.23
CA GLU B 44 -8.94 -22.45 5.31
C GLU B 44 -9.95 -22.28 6.42
N GLN B 45 -9.45 -21.88 7.57
CA GLN B 45 -10.25 -21.78 8.78
C GLN B 45 -9.80 -20.52 9.50
N ILE B 46 -10.77 -19.65 9.77
CA ILE B 46 -10.56 -18.48 10.62
C ILE B 46 -11.79 -18.42 11.50
N PRO B 47 -11.62 -18.39 12.83
CA PRO B 47 -12.81 -18.24 13.68
C PRO B 47 -13.64 -17.00 13.33
N GLU B 48 -14.95 -17.17 13.27
CA GLU B 48 -15.89 -16.09 13.03
C GLU B 48 -15.53 -14.80 13.80
N GLU B 49 -15.26 -14.94 15.09
CA GLU B 49 -15.01 -13.79 15.95
C GLU B 49 -13.70 -13.07 15.63
N ASP B 50 -12.83 -13.73 14.86
CA ASP B 50 -11.54 -13.19 14.41
C ASP B 50 -11.56 -12.49 13.04
N LEU B 51 -12.62 -12.67 12.27
CA LEU B 51 -12.64 -12.22 10.88
C LEU B 51 -12.40 -10.71 10.67
N ALA B 52 -13.15 -9.89 11.41
CA ALA B 52 -13.05 -8.43 11.33
C ALA B 52 -11.64 -7.95 11.67
N LEU B 53 -11.05 -8.59 12.66
CA LEU B 53 -9.71 -8.25 13.12
C LEU B 53 -8.66 -8.74 12.17
N VAL B 54 -8.82 -9.94 11.64
CA VAL B 54 -7.92 -10.46 10.63
C VAL B 54 -7.97 -9.62 9.34
N ALA B 55 -9.17 -9.17 8.96
CA ALA B 55 -9.36 -8.32 7.77
C ALA B 55 -8.58 -7.01 7.88
N GLU B 56 -8.61 -6.42 9.07
CA GLU B 56 -7.87 -5.21 9.37
C GLU B 56 -6.35 -5.39 9.39
N LYS B 57 -5.90 -6.49 10.00
CA LYS B 57 -4.48 -6.78 10.14
C LYS B 57 -3.84 -7.03 8.76
N VAL B 58 -4.50 -7.87 7.96
CA VAL B 58 -3.97 -8.34 6.67
C VAL B 58 -4.02 -7.26 5.57
N SER B 59 -4.94 -6.32 5.70
CA SER B 59 -5.08 -5.24 4.76
C SER B 59 -4.07 -4.12 5.02
N ASN B 60 -3.42 -4.13 6.18
CA ASN B 60 -2.46 -3.10 6.54
C ASN B 60 -1.12 -3.31 5.84
N ILE B 61 -0.62 -2.27 5.16
CA ILE B 61 0.61 -2.28 4.34
C ILE B 61 1.89 -2.41 5.15
N ASN B 62 1.83 -1.91 6.38
CA ASN B 62 2.98 -1.84 7.26
C ASN B 62 3.21 -3.15 8.00
N THR B 63 2.13 -3.67 8.59
CA THR B 63 2.19 -4.87 9.42
C THR B 63 1.38 -6.05 8.86
N GLY B 64 0.72 -5.82 7.73
CA GLY B 64 0.04 -6.86 6.97
C GLY B 64 0.58 -6.96 5.56
N ILE B 65 -0.25 -7.53 4.70
CA ILE B 65 0.07 -7.70 3.26
C ILE B 65 -0.17 -6.37 2.55
N GLY B 66 -1.42 -5.91 2.61
CA GLY B 66 -1.78 -4.64 2.00
C GLY B 66 -2.87 -4.87 0.99
N ALA B 67 -4.06 -4.37 1.29
CA ALA B 67 -5.22 -4.56 0.42
C ALA B 67 -6.32 -3.59 0.80
N ASP B 68 -7.33 -3.49 -0.06
CA ASP B 68 -8.55 -2.76 0.27
C ASP B 68 -9.44 -3.55 1.22
N GLY B 69 -9.09 -4.80 1.44
CA GLY B 69 -9.84 -5.63 2.35
C GLY B 69 -9.61 -7.08 2.03
N MET B 70 -10.49 -7.90 2.58
CA MET B 70 -10.42 -9.34 2.53
C MET B 70 -11.78 -9.87 2.06
N ILE B 71 -11.76 -10.88 1.19
CA ILE B 71 -12.94 -11.50 0.63
C ILE B 71 -12.84 -12.98 0.89
N LEU B 72 -13.86 -13.55 1.53
CA LEU B 72 -13.89 -14.97 1.80
C LEU B 72 -14.73 -15.66 0.74
N ILE B 73 -14.21 -16.75 0.19
CA ILE B 73 -14.97 -17.58 -0.74
C ILE B 73 -15.45 -18.78 0.06
N CYS B 74 -16.76 -18.88 0.26
CA CYS B 74 -17.34 -19.78 1.27
C CYS B 74 -18.36 -20.72 0.67
N PRO B 75 -18.62 -21.84 1.37
CA PRO B 75 -19.80 -22.67 1.07
C PRO B 75 -21.09 -21.85 1.09
N SER B 76 -22.06 -22.26 0.29
CA SER B 76 -23.37 -21.63 0.25
C SER B 76 -24.49 -22.68 0.15
N ASP B 77 -25.62 -22.37 0.78
CA ASP B 77 -26.82 -23.23 0.71
C ASP B 77 -27.60 -22.97 -0.57
N VAL B 78 -27.31 -21.85 -1.24
CA VAL B 78 -28.12 -21.40 -2.37
C VAL B 78 -27.34 -21.26 -3.70
N ALA B 79 -26.02 -21.25 -3.63
CA ALA B 79 -25.17 -21.18 -4.83
C ALA B 79 -23.93 -22.09 -4.63
N PRO B 80 -23.14 -22.30 -5.68
CA PRO B 80 -21.89 -23.03 -5.49
C PRO B 80 -20.93 -22.36 -4.48
N VAL B 81 -20.75 -21.04 -4.59
CA VAL B 81 -19.90 -20.27 -3.69
C VAL B 81 -20.66 -19.07 -3.14
N LYS B 82 -20.16 -18.57 -2.02
CA LYS B 82 -20.66 -17.37 -1.38
C LYS B 82 -19.47 -16.45 -1.14
N MET B 83 -19.71 -15.17 -1.36
CA MET B 83 -18.71 -14.15 -1.16
C MET B 83 -19.04 -13.34 0.11
N ARG B 84 -18.06 -13.22 1.01
CA ARG B 84 -18.12 -12.31 2.14
C ARG B 84 -16.97 -11.32 2.08
N MET B 85 -17.29 -10.04 2.07
CA MET B 85 -16.32 -8.98 1.91
C MET B 85 -16.19 -8.19 3.20
N PHE B 86 -14.94 -8.04 3.65
CA PHE B 86 -14.57 -7.20 4.77
C PHE B 86 -13.67 -6.10 4.26
N ASN B 87 -13.97 -4.86 4.63
CA ASN B 87 -13.13 -3.70 4.34
C ASN B 87 -11.84 -3.69 5.19
N ASN B 88 -10.95 -2.73 4.96
CA ASN B 88 -9.68 -2.68 5.69
C ASN B 88 -9.79 -2.15 7.11
N ASP B 89 -10.96 -1.66 7.51
CA ASP B 89 -11.27 -1.36 8.93
C ASP B 89 -11.97 -2.53 9.64
N GLY B 90 -12.10 -3.68 8.97
CA GLY B 90 -12.73 -4.86 9.52
C GLY B 90 -14.22 -4.94 9.39
N SER B 91 -14.86 -3.90 8.85
CA SER B 91 -16.30 -3.89 8.74
C SER B 91 -16.75 -4.73 7.56
N GLU B 92 -17.77 -5.57 7.76
CA GLU B 92 -18.32 -6.37 6.67
C GLU B 92 -19.44 -5.58 6.02
N GLY B 93 -19.39 -5.49 4.70
CA GLY B 93 -20.38 -4.72 3.96
C GLY B 93 -20.68 -5.30 2.59
N LYS B 94 -21.57 -4.63 1.88
CA LYS B 94 -21.90 -4.98 0.50
C LYS B 94 -20.70 -4.67 -0.38
N SER B 95 -20.32 -5.64 -1.21
CA SER B 95 -19.24 -5.46 -2.19
C SER B 95 -19.65 -4.43 -3.23
N CYS B 96 -20.97 -4.30 -3.43
CA CYS B 96 -21.59 -3.77 -4.64
C CYS B 96 -20.65 -3.74 -5.86
N GLY B 97 -20.34 -4.95 -6.33
CA GLY B 97 -19.62 -5.15 -7.58
C GLY B 97 -18.20 -5.60 -7.37
N ASN B 98 -17.52 -4.98 -6.42
CA ASN B 98 -16.08 -5.14 -6.33
C ASN B 98 -15.70 -6.55 -5.87
N GLY B 99 -14.79 -7.18 -6.62
CA GLY B 99 -14.27 -8.48 -6.27
C GLY B 99 -14.96 -9.63 -6.97
N LEU B 100 -16.07 -9.37 -7.64
CA LEU B 100 -16.85 -10.42 -8.30
C LEU B 100 -16.14 -11.10 -9.47
N ARG B 101 -15.44 -10.34 -10.31
CA ARG B 101 -14.66 -10.93 -11.40
C ARG B 101 -13.53 -11.82 -10.88
N CYS B 102 -12.90 -11.40 -9.77
CA CYS B 102 -11.86 -12.18 -9.11
C CYS B 102 -12.39 -13.43 -8.41
N VAL B 103 -13.51 -13.31 -7.72
CA VAL B 103 -14.18 -14.48 -7.14
C VAL B 103 -14.59 -15.50 -8.20
N ALA B 104 -15.07 -15.00 -9.34
CA ALA B 104 -15.48 -15.86 -10.43
C ALA B 104 -14.28 -16.60 -11.00
N LYS B 105 -13.18 -15.89 -11.19
CA LYS B 105 -11.93 -16.50 -11.67
C LYS B 105 -11.44 -17.61 -10.76
N TYR B 106 -11.32 -17.28 -9.49
CA TYR B 106 -10.87 -18.19 -8.47
C TYR B 106 -11.79 -19.40 -8.37
N ALA B 107 -13.10 -19.17 -8.33
CA ALA B 107 -14.08 -20.26 -8.18
C ALA B 107 -13.89 -21.33 -9.24
N TYR B 108 -13.81 -20.87 -10.49
CA TYR B 108 -13.69 -21.74 -11.64
C TYR B 108 -12.34 -22.46 -11.68
N GLU B 109 -11.26 -21.72 -11.46
CA GLU B 109 -9.90 -22.29 -11.57
C GLU B 109 -9.60 -23.29 -10.46
N HIS B 110 -10.23 -23.14 -9.29
CA HIS B 110 -10.08 -24.10 -8.20
C HIS B 110 -11.22 -25.10 -8.11
N LYS B 111 -12.05 -25.16 -9.16
CA LYS B 111 -13.04 -26.20 -9.35
C LYS B 111 -14.13 -26.27 -8.26
N LEU B 112 -14.53 -25.11 -7.76
CA LEU B 112 -15.66 -25.01 -6.85
C LEU B 112 -16.95 -24.86 -7.66
N VAL B 113 -16.77 -24.74 -8.97
CA VAL B 113 -17.83 -24.57 -9.96
C VAL B 113 -17.47 -25.46 -11.15
N GLU B 114 -18.46 -25.96 -11.88
CA GLU B 114 -18.24 -26.87 -13.01
C GLU B 114 -18.55 -26.30 -14.41
N ASP B 115 -19.12 -25.10 -14.48
CA ASP B 115 -19.42 -24.48 -15.77
C ASP B 115 -18.88 -23.06 -15.84
N THR B 116 -18.89 -22.49 -17.03
CA THR B 116 -18.45 -21.12 -17.25
C THR B 116 -19.50 -20.11 -16.75
N VAL B 117 -20.77 -20.51 -16.77
CA VAL B 117 -21.88 -19.71 -16.23
C VAL B 117 -22.28 -20.30 -14.87
N PHE B 118 -22.34 -19.45 -13.85
CA PHE B 118 -22.65 -19.91 -12.51
C PHE B 118 -23.07 -18.76 -11.64
N THR B 119 -23.52 -19.08 -10.44
CA THR B 119 -24.02 -18.06 -9.52
C THR B 119 -23.12 -17.92 -8.27
N ILE B 120 -23.14 -16.73 -7.69
CA ILE B 120 -22.39 -16.38 -6.48
C ILE B 120 -23.33 -15.73 -5.48
N GLU B 121 -23.37 -16.22 -4.26
CA GLU B 121 -24.18 -15.61 -3.21
C GLU B 121 -23.42 -14.45 -2.52
N THR B 122 -24.02 -13.26 -2.59
CA THR B 122 -23.47 -12.07 -1.99
C THR B 122 -24.49 -11.54 -1.02
N LEU B 123 -24.07 -10.58 -0.20
CA LEU B 123 -24.92 -9.96 0.80
C LEU B 123 -26.18 -9.37 0.17
N ALA B 124 -26.00 -8.69 -0.96
CA ALA B 124 -27.09 -8.05 -1.70
C ALA B 124 -28.08 -9.07 -2.30
N GLY B 125 -27.54 -10.21 -2.73
CA GLY B 125 -28.32 -11.33 -3.25
C GLY B 125 -27.48 -12.18 -4.18
N ILE B 126 -28.09 -13.19 -4.77
CA ILE B 126 -27.40 -14.09 -5.68
C ILE B 126 -27.13 -13.40 -7.03
N VAL B 127 -25.91 -13.58 -7.53
CA VAL B 127 -25.42 -12.89 -8.71
C VAL B 127 -24.98 -13.94 -9.72
N THR B 128 -25.26 -13.72 -11.00
CA THR B 128 -24.71 -14.54 -12.09
C THR B 128 -23.28 -14.06 -12.52
N ALA B 129 -22.36 -15.01 -12.75
CA ALA B 129 -21.03 -14.74 -13.33
C ALA B 129 -20.85 -15.62 -14.55
N GLU B 130 -20.25 -15.07 -15.61
CA GLU B 130 -19.86 -15.85 -16.80
C GLU B 130 -18.39 -15.62 -17.13
N VAL B 131 -17.56 -16.62 -16.90
CA VAL B 131 -16.14 -16.51 -17.18
C VAL B 131 -15.75 -16.84 -18.64
N THR B 132 -14.75 -16.12 -19.15
CA THR B 132 -14.10 -16.46 -20.41
C THR B 132 -12.81 -17.21 -20.04
N VAL B 133 -12.70 -18.45 -20.53
CA VAL B 133 -11.53 -19.31 -20.31
C VAL B 133 -10.70 -19.34 -21.60
N GLU B 134 -9.41 -19.01 -21.53
CA GLU B 134 -8.58 -18.94 -22.74
C GLU B 134 -7.56 -20.08 -22.90
N GLU B 135 -6.72 -20.29 -21.90
CA GLU B 135 -5.88 -21.49 -21.88
C GLU B 135 -6.00 -22.15 -20.51
N GLY B 136 -7.20 -22.68 -20.24
CA GLY B 136 -7.50 -23.24 -18.92
C GLY B 136 -7.58 -22.21 -17.81
N LYS B 137 -7.39 -20.94 -18.16
CA LYS B 137 -7.39 -19.85 -17.20
C LYS B 137 -8.51 -18.88 -17.55
N VAL B 138 -9.15 -18.33 -16.51
CA VAL B 138 -10.18 -17.31 -16.69
C VAL B 138 -9.48 -15.98 -17.00
N THR B 139 -9.80 -15.36 -18.12
CA THR B 139 -9.25 -14.04 -18.49
C THR B 139 -10.19 -12.89 -18.15
N LEU B 140 -11.48 -13.13 -18.38
CA LEU B 140 -12.53 -12.13 -18.20
C LEU B 140 -13.72 -12.77 -17.50
N ALA B 141 -14.45 -11.98 -16.71
CA ALA B 141 -15.70 -12.41 -16.10
C ALA B 141 -16.78 -11.39 -16.41
N LYS B 142 -17.95 -11.87 -16.83
CA LYS B 142 -19.07 -11.01 -17.24
C LYS B 142 -20.10 -10.92 -16.11
N ILE B 143 -20.48 -9.68 -15.79
CA ILE B 143 -21.41 -9.42 -14.68
C ILE B 143 -22.50 -8.45 -15.12
N ASP B 144 -23.67 -8.59 -14.50
CA ASP B 144 -24.83 -7.73 -14.77
C ASP B 144 -24.74 -6.46 -13.94
N MET B 145 -24.83 -5.30 -14.59
CA MET B 145 -24.69 -4.03 -13.90
C MET B 145 -26.03 -3.29 -13.79
N GLY B 146 -27.10 -3.95 -14.21
CA GLY B 146 -28.46 -3.41 -14.13
C GLY B 146 -28.78 -2.42 -15.23
N ALA B 147 -30.00 -1.88 -15.19
CA ALA B 147 -30.46 -0.95 -16.21
C ALA B 147 -29.96 0.45 -15.83
N PRO B 148 -29.67 1.29 -16.84
CA PRO B 148 -29.38 2.67 -16.51
C PRO B 148 -30.65 3.37 -16.05
N ARG B 149 -30.49 4.55 -15.46
CA ARG B 149 -31.63 5.35 -15.04
C ARG B 149 -31.36 6.74 -15.58
N LEU B 150 -32.35 7.26 -16.30
CA LEU B 150 -32.16 8.34 -17.25
C LEU B 150 -32.99 9.58 -16.91
N THR B 151 -33.67 9.53 -15.77
CA THR B 151 -34.55 10.59 -15.28
C THR B 151 -33.77 11.54 -14.35
N ARG B 152 -34.16 12.81 -14.28
CA ARG B 152 -33.43 13.82 -13.48
C ARG B 152 -33.36 13.42 -12.02
N ALA B 153 -34.50 12.98 -11.48
CA ALA B 153 -34.62 12.61 -10.06
C ALA B 153 -33.77 11.38 -9.71
N GLU B 154 -33.50 10.53 -10.70
CA GLU B 154 -32.75 9.28 -10.51
C GLU B 154 -31.25 9.46 -10.58
N ILE B 155 -30.80 10.56 -11.18
CA ILE B 155 -29.38 10.81 -11.41
C ILE B 155 -28.58 10.92 -10.11
N PRO B 156 -28.94 11.86 -9.20
CA PRO B 156 -29.91 12.95 -9.26
C PRO B 156 -29.36 14.26 -9.84
N MET B 157 -30.28 15.02 -10.41
CA MET B 157 -29.93 16.21 -11.14
C MET B 157 -31.06 17.21 -10.99
N LEU B 158 -30.73 18.48 -10.76
CA LEU B 158 -31.77 19.50 -10.68
C LEU B 158 -32.14 19.92 -12.08
N GLY B 159 -33.28 20.62 -12.20
CA GLY B 159 -33.78 21.10 -13.49
C GLY B 159 -34.87 20.22 -14.05
N GLU B 160 -35.35 20.56 -15.24
CA GLU B 160 -36.37 19.78 -15.96
C GLU B 160 -35.89 19.43 -17.37
N GLY B 161 -36.31 18.28 -17.86
CA GLY B 161 -35.94 17.80 -19.21
C GLY B 161 -35.27 16.44 -19.21
N GLU B 162 -36.04 15.40 -19.52
CA GLU B 162 -35.52 14.02 -19.58
C GLU B 162 -35.97 13.21 -20.77
N THR B 163 -36.61 13.84 -21.77
CA THR B 163 -37.22 13.11 -22.88
C THR B 163 -36.53 13.52 -24.17
N PRO B 164 -35.96 12.55 -24.91
CA PRO B 164 -35.87 11.10 -24.68
C PRO B 164 -34.90 10.68 -23.56
N PHE B 165 -33.91 11.52 -23.29
CA PHE B 165 -32.95 11.33 -22.19
C PHE B 165 -32.42 12.71 -21.78
N ILE B 166 -31.52 12.75 -20.80
CA ILE B 166 -30.91 14.02 -20.37
C ILE B 166 -29.64 14.38 -21.16
N ARG B 167 -29.72 15.43 -21.97
CA ARG B 167 -28.55 16.00 -22.62
C ARG B 167 -28.61 17.53 -22.43
N GLU B 168 -27.55 18.11 -21.85
CA GLU B 168 -27.53 19.56 -21.64
C GLU B 168 -26.21 20.14 -22.10
N ASN B 169 -26.26 21.36 -22.63
CA ASN B 169 -25.05 22.09 -22.98
C ASN B 169 -24.37 22.67 -21.74
N PHE B 170 -23.10 23.04 -21.88
CA PHE B 170 -22.34 23.59 -20.78
C PHE B 170 -21.23 24.50 -21.33
N LEU B 171 -21.32 25.80 -21.06
CA LEU B 171 -20.30 26.75 -21.48
C LEU B 171 -19.11 26.70 -20.52
N TYR B 172 -17.93 26.40 -21.05
CA TYR B 172 -16.70 26.44 -20.27
C TYR B 172 -15.60 26.96 -21.20
N ASN B 173 -15.04 28.12 -20.85
CA ASN B 173 -13.92 28.71 -21.57
C ASN B 173 -14.23 28.98 -23.06
N ASN B 174 -15.30 29.74 -23.31
CA ASN B 174 -15.74 30.11 -24.67
C ASN B 174 -15.97 28.90 -25.60
N HIS B 175 -16.44 27.79 -25.03
CA HIS B 175 -16.69 26.58 -25.81
C HIS B 175 -17.87 25.78 -25.26
N ARG B 176 -18.78 25.46 -26.16
CA ARG B 176 -20.01 24.78 -25.85
C ARG B 176 -19.78 23.27 -25.78
N TYR B 177 -19.79 22.73 -24.57
CA TYR B 177 -19.76 21.29 -24.37
C TYR B 177 -21.20 20.81 -24.21
N ALA B 178 -21.38 19.50 -24.36
CA ALA B 178 -22.66 18.86 -24.23
C ALA B 178 -22.43 17.58 -23.44
N PHE B 179 -23.12 17.41 -22.31
CA PHE B 179 -23.01 16.18 -21.53
C PHE B 179 -24.35 15.43 -21.47
N THR B 180 -24.25 14.11 -21.30
CA THR B 180 -25.40 13.22 -21.18
C THR B 180 -25.35 12.61 -19.77
N ALA B 181 -26.43 12.83 -19.01
CA ALA B 181 -26.60 12.31 -17.66
C ALA B 181 -27.18 10.89 -17.61
N VAL B 182 -26.52 10.02 -16.83
CA VAL B 182 -26.88 8.61 -16.66
C VAL B 182 -26.57 8.19 -15.25
N SER B 183 -27.47 7.44 -14.61
CA SER B 183 -27.18 6.76 -13.35
C SER B 183 -27.02 5.28 -13.60
N MET B 184 -25.93 4.68 -13.10
CA MET B 184 -25.77 3.23 -13.06
C MET B 184 -25.77 2.75 -11.59
N GLY B 185 -26.64 3.35 -10.77
CA GLY B 185 -26.58 3.25 -9.31
C GLY B 185 -25.82 4.44 -8.72
N ASN B 186 -25.07 5.15 -9.56
CA ASN B 186 -24.32 6.35 -9.16
C ASN B 186 -24.39 7.33 -10.34
N PRO B 187 -24.22 8.65 -10.08
CA PRO B 187 -24.40 9.67 -11.15
C PRO B 187 -23.21 9.83 -12.10
N HIS B 188 -23.49 9.98 -13.40
CA HIS B 188 -22.48 10.17 -14.45
C HIS B 188 -22.86 11.28 -15.42
N ALA B 189 -21.87 12.07 -15.81
CA ALA B 189 -22.03 13.06 -16.86
C ALA B 189 -20.99 12.75 -17.94
N VAL B 190 -21.45 12.44 -19.15
CA VAL B 190 -20.61 11.97 -20.25
C VAL B 190 -20.48 13.04 -21.35
N ILE B 191 -19.25 13.48 -21.57
CA ILE B 191 -18.94 14.47 -22.61
C ILE B 191 -18.18 13.76 -23.73
N PHE B 192 -18.56 14.00 -24.98
CA PHE B 192 -17.82 13.45 -26.15
C PHE B 192 -16.70 14.38 -26.59
N VAL B 193 -15.50 13.82 -26.73
CA VAL B 193 -14.34 14.59 -27.20
C VAL B 193 -13.85 14.08 -28.56
N ASP B 194 -13.24 14.97 -29.33
CA ASP B 194 -12.60 14.62 -30.60
C ASP B 194 -11.29 13.88 -30.32
N ASP B 195 -10.47 14.48 -29.45
CA ASP B 195 -9.19 13.91 -29.03
C ASP B 195 -9.20 13.79 -27.50
N VAL B 196 -9.14 12.56 -27.00
CA VAL B 196 -9.21 12.30 -25.54
C VAL B 196 -8.00 12.86 -24.77
N GLU B 197 -6.90 13.09 -25.46
CA GLU B 197 -5.71 13.61 -24.80
C GLU B 197 -5.86 15.08 -24.38
N GLN B 198 -6.59 15.88 -25.17
CA GLN B 198 -6.91 17.28 -24.81
C GLN B 198 -8.33 17.42 -24.26
N ALA B 199 -8.76 16.44 -23.46
CA ALA B 199 -10.00 16.55 -22.73
C ALA B 199 -9.72 17.41 -21.49
N PRO B 200 -10.59 18.40 -21.21
CA PRO B 200 -10.41 19.28 -20.04
C PRO B 200 -10.70 18.55 -18.73
N LEU B 201 -9.90 17.52 -18.44
CA LEU B 201 -10.15 16.58 -17.36
C LEU B 201 -9.86 17.18 -15.98
N THR B 202 -8.70 17.83 -15.88
CA THR B 202 -8.26 18.51 -14.66
C THR B 202 -9.00 19.85 -14.44
N THR B 203 -9.65 20.36 -15.49
CA THR B 203 -10.13 21.74 -15.52
C THR B 203 -11.68 21.83 -15.55
N LEU B 204 -12.32 21.07 -16.43
CA LEU B 204 -13.79 21.01 -16.50
C LEU B 204 -14.35 19.92 -15.58
N GLY B 205 -13.61 18.82 -15.43
CA GLY B 205 -14.03 17.73 -14.55
C GLY B 205 -14.45 18.21 -13.16
N PRO B 206 -13.51 18.81 -12.41
CA PRO B 206 -13.77 19.23 -11.02
C PRO B 206 -14.89 20.27 -10.84
N VAL B 207 -14.98 21.24 -11.76
CA VAL B 207 -15.98 22.33 -11.65
C VAL B 207 -17.37 21.85 -12.01
N LEU B 208 -17.45 20.83 -12.86
CA LEU B 208 -18.71 20.19 -13.21
C LEU B 208 -19.14 19.15 -12.15
N GLU B 209 -18.15 18.51 -11.53
CA GLU B 209 -18.38 17.57 -10.45
C GLU B 209 -19.25 18.19 -9.36
N THR B 210 -18.87 19.38 -8.91
CA THR B 210 -19.55 20.02 -7.79
C THR B 210 -20.51 21.14 -8.21
N HIS B 211 -21.03 21.08 -9.43
CA HIS B 211 -21.97 22.09 -9.87
C HIS B 211 -23.30 21.92 -9.13
N GLU B 212 -23.95 23.05 -8.82
CA GLU B 212 -25.22 23.11 -8.07
C GLU B 212 -26.24 22.05 -8.47
N MET B 213 -26.27 21.74 -9.78
CA MET B 213 -27.34 20.93 -10.36
C MET B 213 -27.20 19.45 -10.07
N PHE B 214 -26.08 19.07 -9.47
CA PHE B 214 -25.82 17.71 -9.01
C PHE B 214 -25.74 17.69 -7.49
N PRO B 215 -26.90 17.52 -6.81
CA PRO B 215 -26.97 17.50 -5.34
C PRO B 215 -25.97 16.55 -4.68
N GLU B 216 -25.73 15.41 -5.33
CA GLU B 216 -24.84 14.38 -4.81
C GLU B 216 -23.52 14.28 -5.56
N ARG B 217 -23.13 15.37 -6.22
CA ARG B 217 -21.96 15.43 -7.14
C ARG B 217 -22.13 14.48 -8.36
N VAL B 218 -21.07 14.33 -9.17
CA VAL B 218 -21.17 13.51 -10.38
C VAL B 218 -19.81 13.09 -10.90
N ASN B 219 -19.74 11.87 -11.43
CA ASN B 219 -18.55 11.37 -12.12
C ASN B 219 -18.55 11.94 -13.53
N VAL B 220 -17.41 12.46 -13.99
CA VAL B 220 -17.36 13.13 -15.31
C VAL B 220 -16.46 12.35 -16.28
N GLU B 221 -17.07 11.82 -17.34
CA GLU B 221 -16.37 11.00 -18.31
C GLU B 221 -16.19 11.75 -19.64
N PHE B 222 -14.95 11.82 -20.10
CA PHE B 222 -14.65 12.33 -21.43
C PHE B 222 -14.32 11.11 -22.29
N ILE B 223 -14.99 10.96 -23.43
CA ILE B 223 -14.79 9.80 -24.30
C ILE B 223 -14.68 10.23 -25.77
N GLU B 224 -13.80 9.52 -26.48
CA GLU B 224 -13.63 9.66 -27.91
C GLU B 224 -14.08 8.37 -28.57
N ILE B 225 -15.13 8.45 -29.39
CA ILE B 225 -15.65 7.31 -30.13
C ILE B 225 -14.75 7.02 -31.33
N LEU B 226 -14.13 5.85 -31.36
CA LEU B 226 -13.23 5.48 -32.47
C LEU B 226 -14.02 4.94 -33.67
N ASN B 227 -14.89 3.98 -33.42
CA ASN B 227 -15.88 3.52 -34.42
C ASN B 227 -17.19 3.12 -33.73
N GLU B 228 -17.93 2.15 -34.28
CA GLU B 228 -19.22 1.75 -33.72
C GLU B 228 -19.11 0.69 -32.61
N GLU B 229 -17.90 0.24 -32.30
CA GLU B 229 -17.66 -0.77 -31.25
C GLU B 229 -16.42 -0.51 -30.39
N GLU B 230 -15.93 0.72 -30.37
CA GLU B 230 -14.65 1.03 -29.72
C GLU B 230 -14.64 2.49 -29.25
N MET B 231 -14.15 2.73 -28.03
CA MET B 231 -13.99 4.09 -27.51
C MET B 231 -12.85 4.15 -26.50
N ASN B 232 -12.18 5.31 -26.45
CA ASN B 232 -11.19 5.59 -25.41
C ASN B 232 -11.89 6.37 -24.30
N PHE B 233 -11.40 6.24 -23.08
CA PHE B 233 -12.15 6.62 -21.90
C PHE B 233 -11.27 7.26 -20.84
N ARG B 234 -11.65 8.44 -20.37
CA ARG B 234 -11.04 9.01 -19.16
C ARG B 234 -12.15 9.47 -18.23
N VAL B 235 -11.97 9.26 -16.93
CA VAL B 235 -12.95 9.69 -15.95
C VAL B 235 -12.34 10.61 -14.91
N TRP B 236 -13.12 11.63 -14.53
CA TRP B 236 -12.87 12.39 -13.31
C TRP B 236 -13.87 11.90 -12.26
N GLU B 237 -13.42 10.99 -11.39
CA GLU B 237 -14.26 10.37 -10.38
C GLU B 237 -14.83 11.40 -9.41
N ARG B 238 -16.04 11.09 -8.94
CA ARG B 238 -16.83 11.99 -8.12
C ARG B 238 -16.10 12.42 -6.84
N CYS B 246 -12.96 2.31 -12.82
CA CYS B 246 -14.35 2.80 -12.76
C CYS B 246 -15.21 2.18 -13.88
N GLY B 247 -15.88 1.07 -13.52
CA GLY B 247 -16.67 0.27 -14.45
C GLY B 247 -18.08 0.77 -14.65
N THR B 248 -18.66 1.46 -13.66
CA THR B 248 -19.99 2.05 -13.83
C THR B 248 -19.89 3.30 -14.69
N GLY B 249 -18.70 3.90 -14.72
CA GLY B 249 -18.37 5.01 -15.60
C GLY B 249 -18.32 4.57 -17.04
N ALA B 250 -17.69 3.42 -17.28
CA ALA B 250 -17.54 2.89 -18.64
C ALA B 250 -18.90 2.45 -19.20
N CYS B 251 -19.71 1.86 -18.35
CA CYS B 251 -21.11 1.54 -18.63
C CYS B 251 -21.96 2.79 -18.93
N ALA B 252 -21.89 3.79 -18.07
CA ALA B 252 -22.58 5.06 -18.34
C ALA B 252 -22.14 5.67 -19.69
N ALA B 253 -20.83 5.66 -19.95
CA ALA B 253 -20.26 6.16 -21.21
C ALA B 253 -20.79 5.43 -22.44
N VAL B 254 -20.88 4.09 -22.34
CA VAL B 254 -21.47 3.28 -23.41
C VAL B 254 -22.96 3.58 -23.59
N VAL B 255 -23.71 3.62 -22.49
CA VAL B 255 -25.14 3.94 -22.52
C VAL B 255 -25.37 5.32 -23.16
N ALA B 256 -24.54 6.30 -22.81
CA ALA B 256 -24.59 7.64 -23.42
C ALA B 256 -24.33 7.66 -24.94
N SER B 257 -23.41 6.83 -25.42
CA SER B 257 -23.13 6.79 -26.87
C SER B 257 -24.30 6.17 -27.65
N ILE B 258 -24.90 5.13 -27.07
CA ILE B 258 -26.09 4.51 -27.65
C ILE B 258 -27.28 5.49 -27.65
N LEU B 259 -27.46 6.23 -26.56
CA LEU B 259 -28.52 7.24 -26.51
C LEU B 259 -28.35 8.34 -27.56
N ASN B 260 -27.10 8.66 -27.89
CA ASN B 260 -26.82 9.71 -28.87
C ASN B 260 -26.72 9.22 -30.34
N GLY B 261 -26.84 7.92 -30.57
CA GLY B 261 -26.80 7.37 -31.93
C GLY B 261 -25.41 7.09 -32.47
N LYS B 262 -24.39 7.26 -31.64
CA LYS B 262 -23.02 6.93 -32.01
C LYS B 262 -22.79 5.42 -32.07
N MET B 263 -23.46 4.70 -31.17
CA MET B 263 -23.33 3.24 -31.06
C MET B 263 -24.68 2.52 -30.99
N GLU B 264 -24.64 1.20 -31.11
CA GLU B 264 -25.84 0.37 -31.13
C GLU B 264 -26.08 -0.39 -29.85
N ARG B 265 -27.35 -0.71 -29.64
CA ARG B 265 -27.82 -1.49 -28.51
C ARG B 265 -27.49 -2.97 -28.74
N GLY B 266 -27.29 -3.72 -27.66
CA GLY B 266 -27.05 -5.17 -27.76
C GLY B 266 -25.78 -5.61 -28.49
N LYS B 267 -24.83 -4.69 -28.64
CA LYS B 267 -23.53 -4.99 -29.22
C LYS B 267 -22.44 -4.75 -28.18
N GLU B 268 -21.46 -5.65 -28.16
CA GLU B 268 -20.33 -5.54 -27.25
C GLU B 268 -19.39 -4.43 -27.73
N ILE B 269 -19.33 -3.37 -26.94
CA ILE B 269 -18.45 -2.23 -27.20
C ILE B 269 -17.25 -2.34 -26.26
N THR B 270 -16.05 -2.15 -26.80
CA THR B 270 -14.87 -2.27 -25.97
C THR B 270 -14.36 -0.86 -25.62
N VAL B 271 -14.23 -0.63 -24.31
CA VAL B 271 -13.81 0.67 -23.78
C VAL B 271 -12.34 0.61 -23.36
N HIS B 272 -11.50 1.47 -23.96
CA HIS B 272 -10.11 1.62 -23.55
C HIS B 272 -9.92 2.62 -22.41
N LEU B 273 -9.74 2.10 -21.20
CA LEU B 273 -9.47 2.92 -20.01
C LEU B 273 -7.95 3.15 -19.85
N ALA B 274 -7.56 3.85 -18.79
CA ALA B 274 -6.13 3.96 -18.43
C ALA B 274 -5.61 2.63 -17.86
N GLY B 275 -6.47 1.93 -17.09
CA GLY B 275 -6.18 0.56 -16.64
C GLY B 275 -6.00 -0.42 -17.80
N GLY B 276 -7.10 -0.77 -18.45
CA GLY B 276 -7.06 -1.60 -19.67
C GLY B 276 -8.40 -1.56 -20.38
N ASP B 277 -8.93 -2.73 -20.72
CA ASP B 277 -10.18 -2.82 -21.47
C ASP B 277 -11.32 -3.41 -20.64
N LEU B 278 -12.49 -2.78 -20.76
CA LEU B 278 -13.77 -3.36 -20.36
C LEU B 278 -14.62 -3.50 -21.61
N MET B 279 -15.40 -4.58 -21.66
CA MET B 279 -16.26 -4.91 -22.80
C MET B 279 -17.71 -4.85 -22.30
N ILE B 280 -18.46 -3.91 -22.86
CA ILE B 280 -19.75 -3.58 -22.29
C ILE B 280 -20.83 -3.64 -23.37
N ALA B 281 -21.99 -4.19 -23.00
CA ALA B 281 -23.15 -4.20 -23.89
C ALA B 281 -24.38 -3.79 -23.14
N TRP B 282 -25.09 -2.79 -23.66
CA TRP B 282 -26.43 -2.44 -23.16
C TRP B 282 -27.42 -3.38 -23.86
N THR B 283 -27.84 -4.42 -23.15
CA THR B 283 -28.71 -5.45 -23.75
C THR B 283 -30.08 -4.88 -24.10
N GLU B 284 -30.68 -5.38 -25.18
CA GLU B 284 -32.04 -4.96 -25.54
C GLU B 284 -33.03 -5.32 -24.43
N GLU B 285 -32.72 -6.37 -23.66
CA GLU B 285 -33.50 -6.77 -22.48
C GLU B 285 -33.60 -5.67 -21.42
N GLY B 286 -32.57 -4.81 -21.34
CA GLY B 286 -32.55 -3.68 -20.39
C GLY B 286 -31.26 -3.52 -19.58
N ASN B 287 -30.70 -4.64 -19.12
CA ASN B 287 -29.47 -4.65 -18.31
C ASN B 287 -28.26 -4.21 -19.09
N VAL B 288 -27.29 -3.61 -18.39
CA VAL B 288 -25.94 -3.40 -18.93
C VAL B 288 -25.00 -4.47 -18.39
N LEU B 289 -24.47 -5.30 -19.29
CA LEU B 289 -23.57 -6.39 -18.90
C LEU B 289 -22.11 -5.98 -19.13
N MET B 290 -21.25 -6.20 -18.14
CA MET B 290 -19.87 -5.71 -18.20
C MET B 290 -18.86 -6.86 -18.05
N LYS B 291 -17.93 -6.97 -18.99
CA LYS B 291 -16.94 -8.03 -19.02
C LYS B 291 -15.55 -7.45 -18.73
N GLY B 292 -14.89 -7.98 -17.71
CA GLY B 292 -13.64 -7.40 -17.24
C GLY B 292 -12.63 -8.41 -16.72
N PRO B 293 -11.35 -8.00 -16.67
CA PRO B 293 -10.25 -8.89 -16.27
C PRO B 293 -10.12 -9.10 -14.76
N ALA B 294 -9.48 -10.20 -14.40
CA ALA B 294 -9.08 -10.49 -13.03
C ALA B 294 -7.70 -11.14 -13.13
N GLU B 295 -6.79 -10.76 -12.23
CA GLU B 295 -5.41 -11.22 -12.29
C GLU B 295 -4.89 -11.57 -10.93
N VAL B 296 -4.05 -12.59 -10.87
CA VAL B 296 -3.35 -12.93 -9.66
C VAL B 296 -2.13 -12.02 -9.53
N ILE B 297 -1.92 -11.47 -8.33
CA ILE B 297 -0.73 -10.70 -7.98
C ILE B 297 0.26 -11.62 -7.28
N CYS B 298 -0.22 -12.28 -6.25
CA CYS B 298 0.59 -13.23 -5.51
C CYS B 298 -0.31 -14.22 -4.82
N ARG B 299 0.28 -15.35 -4.43
CA ARG B 299 -0.36 -16.30 -3.56
C ARG B 299 0.66 -16.69 -2.49
N GLY B 300 0.19 -17.08 -1.32
CA GLY B 300 1.08 -17.49 -0.27
C GLY B 300 0.38 -17.88 1.02
N VAL B 301 1.17 -17.86 2.09
CA VAL B 301 0.69 -18.17 3.43
C VAL B 301 0.89 -16.93 4.31
N TYR B 302 -0.20 -16.44 4.87
CA TYR B 302 -0.17 -15.34 5.82
C TYR B 302 -0.21 -15.90 7.26
N GLU B 303 0.72 -15.43 8.11
CA GLU B 303 0.85 -15.79 9.52
C GLU B 303 0.47 -14.62 10.40
N TYR B 304 -0.23 -14.90 11.49
CA TYR B 304 -0.71 -13.84 12.38
C TYR B 304 -0.85 -14.33 13.83
N LYS B 305 -0.91 -13.36 14.73
CA LYS B 305 -1.08 -13.62 16.14
C LYS B 305 -2.15 -12.66 16.63
N ILE B 306 -3.14 -13.17 17.35
CA ILE B 306 -4.09 -12.32 18.05
C ILE B 306 -3.89 -12.51 19.55
N GLU B 307 -3.62 -11.40 20.24
CA GLU B 307 -3.58 -11.35 21.69
C GLU B 307 -4.77 -10.58 22.24
#